data_6WSK
#
_entry.id   6WSK
#
_cell.length_a   68.177
_cell.length_b   68.177
_cell.length_c   146.648
_cell.angle_alpha   90.000
_cell.angle_beta   90.000
_cell.angle_gamma   90.000
#
_symmetry.space_group_name_H-M   'P 41 21 2'
#
loop_
_entity.id
_entity.type
_entity.pdbx_description
1 polymer 'Endolysin,CB1 cannabinoid receptor-interacting protein 1 fusion'
2 water water
#
_entity_poly.entity_id   1
_entity_poly.type   'polypeptide(L)'
_entity_poly.pdbx_seq_one_letter_code
;MGSSHHHHHHSSGLVPRGMNIFEMLRIDQRLRLKIYKNTEGYYTIGIGHLLTKSPSLNAAKSELDKAIGRNTNGVITKDE
AEKLFNQDVDAAVRGILRNAKLKPVYDSLDAVRRAALINMVFQMGETGVAGFTNSLRMLQQKRWDEAAVNLAKSIWYNQT
PNRAKRVITTFRTGTWDAYAAHMGDLPGIVRLSIALRIQPNDGPVFFKVDGQRFGQNRTIKLLTGSSYKVEVKIKPTTLQ
VENISIGGVLVPLELKCKEPDGERVVYTGIYDTEGVAPTKSGERQPIQITMPFTDIGTFETVWQVKFYNYHKRDHCQWGS
PFSVIEYECKPNETRSLMWVNKESFL
;
_entity_poly.pdbx_strand_id   A
#
# COMPACT_ATOMS: atom_id res chain seq x y z
N GLY A 18 -15.97 7.73 -19.88
CA GLY A 18 -14.80 8.19 -20.60
C GLY A 18 -13.50 8.04 -19.83
N MET A 19 -13.53 7.19 -18.80
CA MET A 19 -12.32 6.83 -18.08
C MET A 19 -11.26 6.32 -19.05
N ASN A 20 -9.99 6.43 -18.68
CA ASN A 20 -8.95 6.18 -19.68
C ASN A 20 -7.57 6.00 -19.04
N ILE A 21 -6.60 5.70 -19.88
CA ILE A 21 -5.26 5.38 -19.42
C ILE A 21 -4.64 6.51 -18.59
N PHE A 22 -4.88 7.77 -18.97
CA PHE A 22 -4.30 8.87 -18.20
C PHE A 22 -4.80 8.87 -16.76
N GLU A 23 -6.11 8.74 -16.58
CA GLU A 23 -6.66 8.72 -15.22
C GLU A 23 -6.25 7.45 -14.50
N MET A 24 -6.17 6.35 -15.24
CA MET A 24 -5.76 5.10 -14.63
C MET A 24 -4.36 5.21 -14.05
N LEU A 25 -3.43 5.78 -14.82
CA LEU A 25 -2.08 5.97 -14.34
C LEU A 25 -2.02 7.02 -13.24
N ARG A 26 -2.88 8.03 -13.25
CA ARG A 26 -2.90 8.97 -12.13
C ARG A 26 -3.28 8.28 -10.82
N ILE A 27 -4.12 7.24 -10.88
CA ILE A 27 -4.46 6.46 -9.69
C ILE A 27 -3.31 5.55 -9.31
N ASP A 28 -2.66 4.91 -10.30
CA ASP A 28 -1.70 3.86 -10.01
C ASP A 28 -0.29 4.35 -9.71
N GLN A 29 0.07 5.58 -10.10
CA GLN A 29 1.43 6.09 -10.03
C GLN A 29 1.42 7.42 -9.31
N ARG A 30 2.15 7.49 -8.18
CA ARG A 30 2.14 8.71 -7.41
C ARG A 30 2.93 9.79 -8.13
N LEU A 31 2.53 11.04 -7.90
CA LEU A 31 3.16 12.19 -8.51
C LEU A 31 4.22 12.72 -7.55
N ARG A 32 5.43 12.96 -8.05
CA ARG A 32 6.47 13.60 -7.26
C ARG A 32 7.06 14.75 -8.04
N LEU A 33 7.18 15.91 -7.38
CA LEU A 33 7.78 17.09 -7.98
C LEU A 33 9.26 17.25 -7.65
N LYS A 34 9.82 16.39 -6.80
CA LYS A 34 11.25 16.41 -6.50
C LYS A 34 11.82 15.03 -6.74
N ILE A 35 13.07 14.97 -7.23
CA ILE A 35 13.65 13.70 -7.65
C ILE A 35 13.61 12.70 -6.51
N TYR A 36 13.33 11.44 -6.84
CA TYR A 36 13.23 10.34 -5.90
C TYR A 36 13.55 9.06 -6.64
N LYS A 37 14.08 8.08 -5.91
CA LYS A 37 14.48 6.81 -6.53
C LYS A 37 13.26 5.89 -6.70
N TYR A 43 16.66 6.62 -10.37
CA TYR A 43 16.09 7.92 -10.04
C TYR A 43 14.73 8.08 -10.69
N THR A 44 13.91 9.01 -10.21
CA THR A 44 12.56 9.15 -10.73
C THR A 44 11.98 10.50 -10.30
N ILE A 45 11.07 11.02 -11.14
CA ILE A 45 10.40 12.29 -10.86
C ILE A 45 9.05 12.29 -11.57
N GLY A 46 8.19 13.25 -11.20
CA GLY A 46 6.91 13.38 -11.87
C GLY A 46 6.01 12.21 -11.59
N ILE A 47 5.24 11.80 -12.60
CA ILE A 47 4.37 10.62 -12.47
C ILE A 47 5.19 9.46 -13.05
N GLY A 48 6.08 8.95 -12.20
CA GLY A 48 6.87 7.80 -12.57
C GLY A 48 7.79 8.02 -13.76
N HIS A 49 8.34 9.21 -13.90
CA HIS A 49 9.32 9.46 -14.95
C HIS A 49 10.70 9.06 -14.46
N LEU A 50 11.22 7.99 -15.03
CA LEU A 50 12.56 7.49 -14.72
C LEU A 50 13.62 8.43 -15.30
N LEU A 51 14.84 8.31 -14.78
CA LEU A 51 15.95 9.15 -15.24
C LEU A 51 17.24 8.35 -15.37
N GLY A 74 16.54 20.40 -9.36
CA GLY A 74 15.94 19.07 -9.29
C GLY A 74 14.49 19.09 -8.86
N VAL A 75 13.81 20.19 -9.16
CA VAL A 75 12.43 20.41 -8.77
C VAL A 75 11.67 20.92 -9.99
N ILE A 76 10.57 20.25 -10.33
CA ILE A 76 9.70 20.68 -11.42
C ILE A 76 8.37 21.14 -10.86
N THR A 77 7.60 21.83 -11.69
CA THR A 77 6.27 22.32 -11.34
C THR A 77 5.22 21.29 -11.73
N LYS A 78 3.98 21.52 -11.29
CA LYS A 78 2.92 20.58 -11.60
C LYS A 78 2.68 20.51 -13.11
N ASP A 79 2.60 21.67 -13.77
CA ASP A 79 2.35 21.68 -15.20
C ASP A 79 3.45 20.95 -15.97
N GLU A 80 4.70 21.09 -15.52
CA GLU A 80 5.80 20.42 -16.20
C GLU A 80 5.78 18.91 -15.97
N ALA A 81 5.36 18.49 -14.78
CA ALA A 81 5.14 17.06 -14.53
C ALA A 81 4.03 16.53 -15.43
N GLU A 82 2.97 17.31 -15.60
CA GLU A 82 1.86 16.87 -16.45
C GLU A 82 2.31 16.74 -17.90
N LYS A 83 3.08 17.70 -18.40
CA LYS A 83 3.59 17.56 -19.76
C LYS A 83 4.51 16.34 -19.90
N LEU A 84 5.36 16.09 -18.90
CA LEU A 84 6.22 14.91 -18.93
C LEU A 84 5.38 13.65 -18.91
N PHE A 85 4.29 13.66 -18.16
CA PHE A 85 3.42 12.51 -18.07
C PHE A 85 2.80 12.23 -19.42
N ASN A 86 2.30 13.27 -20.09
CA ASN A 86 1.69 13.06 -21.39
C ASN A 86 2.71 12.53 -22.37
N GLN A 87 3.94 13.07 -22.31
CA GLN A 87 5.00 12.58 -23.17
C GLN A 87 5.33 11.13 -22.86
N ASP A 88 5.27 10.75 -21.59
CA ASP A 88 5.60 9.38 -21.24
C ASP A 88 4.49 8.40 -21.66
N VAL A 89 3.22 8.79 -21.56
CA VAL A 89 2.15 7.96 -22.11
C VAL A 89 2.34 7.80 -23.62
N ASP A 90 2.61 8.92 -24.31
CA ASP A 90 2.91 8.85 -25.75
C ASP A 90 4.05 7.89 -26.04
N ALA A 91 5.12 7.96 -25.26
CA ALA A 91 6.27 7.09 -25.49
C ALA A 91 5.91 5.63 -25.28
N ALA A 92 5.03 5.35 -24.32
CA ALA A 92 4.60 3.97 -24.10
C ALA A 92 3.81 3.43 -25.28
N VAL A 93 2.89 4.23 -25.83
CA VAL A 93 2.12 3.77 -26.98
C VAL A 93 3.04 3.61 -28.20
N ARG A 94 3.92 4.57 -28.43
CA ARG A 94 4.85 4.45 -29.55
C ARG A 94 5.70 3.20 -29.42
N GLY A 95 6.13 2.87 -28.20
CA GLY A 95 6.92 1.67 -27.99
C GLY A 95 6.14 0.40 -28.24
N ILE A 96 4.87 0.38 -27.85
CA ILE A 96 4.01 -0.75 -28.20
C ILE A 96 3.96 -0.90 -29.71
N LEU A 97 3.74 0.19 -30.43
CA LEU A 97 3.43 0.07 -31.85
C LEU A 97 4.66 -0.31 -32.65
N ARG A 98 5.84 0.06 -32.18
CA ARG A 98 7.11 -0.29 -32.82
C ARG A 98 7.54 -1.72 -32.55
N ASN A 99 7.00 -2.36 -31.51
CA ASN A 99 7.47 -3.64 -31.03
C ASN A 99 6.66 -4.77 -31.67
N ALA A 100 7.35 -5.65 -32.41
CA ALA A 100 6.64 -6.66 -33.17
C ALA A 100 5.95 -7.67 -32.28
N LYS A 101 6.35 -7.77 -31.02
CA LYS A 101 5.67 -8.63 -30.06
C LYS A 101 4.46 -7.96 -29.40
N LEU A 102 4.47 -6.64 -29.26
CA LEU A 102 3.36 -5.97 -28.59
C LEU A 102 2.32 -5.45 -29.55
N LYS A 103 2.69 -5.00 -30.76
CA LYS A 103 1.71 -4.39 -31.65
C LYS A 103 0.56 -5.32 -31.99
N PRO A 104 0.78 -6.58 -32.36
CA PRO A 104 -0.38 -7.41 -32.74
C PRO A 104 -1.36 -7.58 -31.60
N VAL A 105 -0.85 -7.75 -30.38
CA VAL A 105 -1.74 -7.88 -29.22
C VAL A 105 -2.52 -6.59 -29.02
N TYR A 106 -1.82 -5.46 -29.04
CA TYR A 106 -2.45 -4.15 -28.84
C TYR A 106 -3.54 -3.94 -29.87
N ASP A 107 -3.22 -4.22 -31.14
CA ASP A 107 -4.23 -4.03 -32.19
C ASP A 107 -5.51 -4.82 -31.93
N SER A 108 -5.36 -6.06 -31.45
CA SER A 108 -6.49 -6.95 -31.24
C SER A 108 -7.35 -6.56 -30.06
N LEU A 109 -6.83 -5.76 -29.14
CA LEU A 109 -7.55 -5.43 -27.92
C LEU A 109 -8.49 -4.25 -28.09
N ASP A 110 -9.57 -4.27 -27.32
CA ASP A 110 -10.46 -3.13 -27.18
C ASP A 110 -9.76 -1.99 -26.42
N ALA A 111 -10.36 -0.80 -26.44
CA ALA A 111 -9.71 0.37 -25.85
C ALA A 111 -9.40 0.19 -24.36
N VAL A 112 -10.28 -0.47 -23.61
CA VAL A 112 -10.04 -0.61 -22.18
C VAL A 112 -8.88 -1.56 -21.95
N ARG A 113 -8.88 -2.73 -22.58
CA ARG A 113 -7.75 -3.64 -22.38
C ARG A 113 -6.47 -3.04 -22.94
N ARG A 114 -6.56 -2.22 -23.99
CA ARG A 114 -5.35 -1.53 -24.47
C ARG A 114 -4.75 -0.67 -23.36
N ALA A 115 -5.58 0.00 -22.57
CA ALA A 115 -5.07 0.82 -21.48
C ALA A 115 -4.30 -0.01 -20.47
N ALA A 116 -4.78 -1.22 -20.18
CA ALA A 116 -4.03 -2.07 -19.27
C ALA A 116 -2.65 -2.38 -19.81
N LEU A 117 -2.55 -2.63 -21.11
CA LEU A 117 -1.23 -2.87 -21.70
C LEU A 117 -0.35 -1.63 -21.66
N ILE A 118 -0.91 -0.46 -21.94
CA ILE A 118 -0.12 0.76 -21.85
C ILE A 118 0.37 0.97 -20.42
N ASN A 119 -0.49 0.70 -19.45
CA ASN A 119 -0.12 0.83 -18.05
C ASN A 119 1.13 0.00 -17.73
N MET A 120 1.13 -1.28 -18.12
CA MET A 120 2.29 -2.12 -17.90
C MET A 120 3.53 -1.53 -18.58
N VAL A 121 3.40 -1.10 -19.85
CA VAL A 121 4.57 -0.57 -20.57
C VAL A 121 5.05 0.71 -19.92
N PHE A 122 4.12 1.56 -19.49
CA PHE A 122 4.50 2.77 -18.74
C PHE A 122 5.30 2.41 -17.48
N GLN A 123 4.91 1.35 -16.77
CA GLN A 123 5.55 0.96 -15.52
C GLN A 123 6.94 0.37 -15.76
N MET A 124 7.07 -0.57 -16.70
CA MET A 124 8.26 -1.38 -16.82
C MET A 124 8.96 -1.31 -18.18
N GLY A 125 8.45 -0.56 -19.13
CA GLY A 125 9.13 -0.43 -20.41
C GLY A 125 8.67 -1.45 -21.44
N GLU A 126 8.79 -1.06 -22.71
CA GLU A 126 8.41 -1.90 -23.83
C GLU A 126 9.09 -3.26 -23.74
N THR A 127 10.41 -3.26 -23.52
CA THR A 127 11.16 -4.53 -23.58
C THR A 127 10.68 -5.49 -22.48
N GLY A 128 10.45 -4.96 -21.28
CA GLY A 128 9.98 -5.78 -20.20
C GLY A 128 8.63 -6.41 -20.48
N VAL A 129 7.69 -5.61 -20.97
CA VAL A 129 6.37 -6.16 -21.22
C VAL A 129 6.42 -7.16 -22.38
N ALA A 130 7.25 -6.91 -23.41
CA ALA A 130 7.37 -7.85 -24.52
C ALA A 130 7.89 -9.19 -24.04
N GLY A 131 8.45 -9.23 -22.85
CA GLY A 131 8.84 -10.48 -22.22
C GLY A 131 7.73 -11.30 -21.62
N PHE A 132 6.49 -10.80 -21.59
CA PHE A 132 5.37 -11.55 -21.06
C PHE A 132 4.74 -12.45 -22.13
N THR A 133 5.55 -13.37 -22.66
CA THR A 133 5.22 -14.01 -23.91
C THR A 133 3.94 -14.81 -23.86
N ASN A 134 3.78 -15.60 -22.81
CA ASN A 134 2.61 -16.45 -22.71
C ASN A 134 1.36 -15.64 -22.47
N SER A 135 1.43 -14.68 -21.56
CA SER A 135 0.25 -13.90 -21.24
C SER A 135 -0.20 -13.09 -22.44
N LEU A 136 0.76 -12.58 -23.21
CA LEU A 136 0.42 -11.79 -24.39
C LEU A 136 -0.33 -12.65 -25.40
N ARG A 137 0.15 -13.87 -25.59
CA ARG A 137 -0.54 -14.80 -26.48
C ARG A 137 -1.96 -15.04 -26.01
N MET A 138 -2.14 -15.31 -24.72
CA MET A 138 -3.47 -15.51 -24.14
C MET A 138 -4.38 -14.31 -24.41
N LEU A 139 -3.88 -13.09 -24.19
CA LEU A 139 -4.70 -11.90 -24.48
C LEU A 139 -5.09 -11.83 -25.95
N GLN A 140 -4.14 -12.09 -26.86
CA GLN A 140 -4.44 -12.02 -28.28
C GLN A 140 -5.52 -13.02 -28.67
N GLN A 141 -5.58 -14.15 -27.97
CA GLN A 141 -6.52 -15.22 -28.23
C GLN A 141 -7.83 -15.06 -27.44
N LYS A 142 -8.01 -13.95 -26.73
CA LYS A 142 -9.22 -13.70 -25.98
C LYS A 142 -9.40 -14.65 -24.82
N ARG A 143 -8.29 -15.24 -24.35
CA ARG A 143 -8.31 -16.13 -23.18
C ARG A 143 -8.14 -15.29 -21.91
N TRP A 144 -9.19 -14.55 -21.60
CA TRP A 144 -9.05 -13.51 -20.59
C TRP A 144 -8.78 -14.08 -19.22
N ASP A 145 -9.44 -15.18 -18.88
CA ASP A 145 -9.23 -15.75 -17.56
C ASP A 145 -7.87 -16.40 -17.44
N GLU A 146 -7.41 -17.08 -18.49
CA GLU A 146 -6.08 -17.69 -18.46
C GLU A 146 -5.00 -16.62 -18.37
N ALA A 147 -5.18 -15.53 -19.11
CA ALA A 147 -4.21 -14.45 -19.06
C ALA A 147 -4.15 -13.87 -17.67
N ALA A 148 -5.32 -13.64 -17.08
CA ALA A 148 -5.38 -13.03 -15.76
C ALA A 148 -4.71 -13.92 -14.71
N VAL A 149 -4.99 -15.21 -14.76
CA VAL A 149 -4.31 -16.14 -13.86
C VAL A 149 -2.81 -16.13 -14.11
N ASN A 150 -2.39 -16.14 -15.37
CA ASN A 150 -0.95 -16.23 -15.63
C ASN A 150 -0.24 -14.95 -15.21
N LEU A 151 -0.84 -13.79 -15.43
CA LEU A 151 -0.18 -12.54 -15.07
C LEU A 151 0.07 -12.44 -13.57
N ALA A 152 -0.82 -13.00 -12.77
CA ALA A 152 -0.73 -12.94 -11.32
C ALA A 152 0.33 -13.87 -10.74
N LYS A 153 0.90 -14.76 -11.54
CA LYS A 153 2.04 -15.57 -11.10
C LYS A 153 3.36 -14.84 -11.22
N SER A 154 3.39 -13.65 -11.79
CA SER A 154 4.63 -12.99 -12.11
CA SER A 154 4.63 -12.98 -12.11
C SER A 154 5.26 -12.28 -10.91
N ILE A 155 6.58 -12.16 -10.97
CA ILE A 155 7.31 -11.33 -10.03
C ILE A 155 6.79 -9.89 -10.06
N TRP A 156 6.28 -9.44 -11.21
CA TRP A 156 5.62 -8.12 -11.28
C TRP A 156 4.48 -8.01 -10.28
N TYR A 157 3.62 -9.02 -10.24
CA TYR A 157 2.52 -9.03 -9.30
C TYR A 157 3.05 -8.96 -7.89
N ASN A 158 4.05 -9.78 -7.58
CA ASN A 158 4.57 -9.80 -6.21
C ASN A 158 5.15 -8.44 -5.80
N GLN A 159 5.80 -7.73 -6.72
CA GLN A 159 6.44 -6.47 -6.39
C GLN A 159 5.43 -5.35 -6.19
N THR A 160 4.37 -5.33 -7.02
CA THR A 160 3.34 -4.30 -6.95
C THR A 160 1.97 -4.95 -7.09
N PRO A 161 1.52 -5.64 -6.04
CA PRO A 161 0.29 -6.44 -6.14
C PRO A 161 -0.99 -5.63 -6.23
N ASN A 162 -1.10 -4.48 -5.57
CA ASN A 162 -2.34 -3.72 -5.66
C ASN A 162 -2.52 -3.18 -7.07
N ARG A 163 -1.47 -2.60 -7.64
CA ARG A 163 -1.56 -2.12 -9.01
C ARG A 163 -1.75 -3.28 -9.99
N ALA A 164 -0.99 -4.35 -9.81
CA ALA A 164 -1.13 -5.48 -10.73
C ALA A 164 -2.53 -6.06 -10.69
N LYS A 165 -3.14 -6.16 -9.51
CA LYS A 165 -4.46 -6.76 -9.46
C LYS A 165 -5.48 -5.89 -10.20
N ARG A 166 -5.32 -4.58 -10.14
CA ARG A 166 -6.23 -3.70 -10.87
C ARG A 166 -6.03 -3.81 -12.37
N VAL A 167 -4.77 -3.82 -12.79
CA VAL A 167 -4.43 -3.96 -14.22
C VAL A 167 -4.97 -5.29 -14.74
N ILE A 168 -4.81 -6.35 -13.95
CA ILE A 168 -5.30 -7.68 -14.35
C ILE A 168 -6.81 -7.71 -14.44
N THR A 169 -7.53 -7.12 -13.48
CA THR A 169 -8.99 -7.06 -13.59
C THR A 169 -9.40 -6.34 -14.88
N THR A 170 -8.64 -5.33 -15.25
CA THR A 170 -8.94 -4.59 -16.47
C THR A 170 -8.74 -5.46 -17.70
N PHE A 171 -7.66 -6.23 -17.72
CA PHE A 171 -7.48 -7.17 -18.84
C PHE A 171 -8.58 -8.24 -18.83
N ARG A 172 -8.94 -8.73 -17.66
CA ARG A 172 -9.90 -9.83 -17.59
CA ARG A 172 -9.89 -9.83 -17.58
C ARG A 172 -11.27 -9.41 -18.09
N THR A 173 -11.72 -8.22 -17.69
CA THR A 173 -13.10 -7.82 -17.84
C THR A 173 -13.33 -6.82 -18.95
N GLY A 174 -12.30 -6.10 -19.40
CA GLY A 174 -12.52 -5.04 -20.34
C GLY A 174 -13.36 -3.92 -19.77
N THR A 175 -13.36 -3.76 -18.45
CA THR A 175 -14.06 -2.70 -17.76
C THR A 175 -13.10 -1.98 -16.83
N TRP A 176 -13.55 -0.85 -16.30
CA TRP A 176 -12.83 -0.11 -15.29
C TRP A 176 -13.26 -0.44 -13.88
N ASP A 177 -13.82 -1.63 -13.67
CA ASP A 177 -14.35 -1.97 -12.35
C ASP A 177 -13.32 -1.76 -11.23
N ALA A 178 -12.06 -2.10 -11.46
CA ALA A 178 -11.07 -2.06 -10.38
C ALA A 178 -10.69 -0.65 -9.97
N TYR A 179 -11.04 0.34 -10.79
CA TYR A 179 -10.74 1.74 -10.53
C TYR A 179 -11.93 2.50 -9.96
N ALA A 180 -13.13 1.92 -9.97
CA ALA A 180 -14.33 2.64 -9.52
C ALA A 180 -14.16 3.17 -8.11
N ALA A 181 -13.70 2.33 -7.19
CA ALA A 181 -13.53 2.76 -5.81
C ALA A 181 -12.37 3.70 -5.59
N HIS A 182 -11.53 3.90 -6.61
CA HIS A 182 -10.40 4.80 -6.53
C HIS A 182 -10.70 6.17 -7.13
N MET A 183 -11.86 6.31 -7.74
CA MET A 183 -12.39 7.63 -8.03
C MET A 183 -12.38 8.40 -6.74
N GLY A 184 -11.73 9.54 -6.74
CA GLY A 184 -11.67 10.31 -5.53
C GLY A 184 -10.46 10.07 -4.68
N ASP A 185 -9.52 9.23 -5.12
CA ASP A 185 -8.27 9.13 -4.40
C ASP A 185 -7.62 10.50 -4.37
N LEU A 186 -7.06 10.86 -3.22
CA LEU A 186 -6.27 12.08 -3.11
C LEU A 186 -4.91 11.85 -3.75
N PRO A 187 -4.27 12.89 -4.27
CA PRO A 187 -3.03 12.65 -5.04
C PRO A 187 -1.86 12.18 -4.18
N GLY A 188 -1.80 12.59 -2.92
CA GLY A 188 -0.66 12.28 -2.09
C GLY A 188 -0.75 10.94 -1.40
N ILE A 189 0.40 10.46 -0.97
CA ILE A 189 0.51 9.26 -0.15
C ILE A 189 0.65 9.69 1.30
N VAL A 190 0.10 8.88 2.19
CA VAL A 190 0.26 9.05 3.63
C VAL A 190 1.15 7.93 4.13
N ARG A 191 2.22 8.28 4.83
CA ARG A 191 3.10 7.30 5.42
C ARG A 191 2.93 7.39 6.92
N LEU A 192 2.68 6.28 7.56
CA LEU A 192 2.63 6.32 9.00
C LEU A 192 3.23 5.07 9.60
N SER A 193 3.90 5.25 10.73
CA SER A 193 4.57 4.17 11.42
C SER A 193 4.02 4.11 12.84
N ILE A 194 3.89 2.91 13.36
CA ILE A 194 3.46 2.67 14.74
C ILE A 194 4.54 1.83 15.42
N ALA A 195 4.97 2.24 16.62
CA ALA A 195 5.96 1.50 17.38
C ALA A 195 5.49 1.38 18.83
N LEU A 196 5.79 0.25 19.44
CA LEU A 196 5.49 -0.01 20.84
C LEU A 196 6.78 -0.33 21.57
N ARG A 197 6.91 0.18 22.81
CA ARG A 197 7.99 -0.22 23.71
C ARG A 197 7.41 -0.45 25.09
N ILE A 198 7.77 -1.56 25.70
CA ILE A 198 7.18 -1.89 26.99
C ILE A 198 7.89 -1.11 28.09
N GLN A 199 7.10 -0.52 28.99
CA GLN A 199 7.62 0.16 30.16
C GLN A 199 7.96 -0.88 31.22
N PRO A 200 8.97 -0.59 32.06
CA PRO A 200 9.60 0.73 32.22
C PRO A 200 10.90 1.00 31.48
N ASN A 201 11.48 -0.03 30.87
CA ASN A 201 12.85 0.06 30.39
C ASN A 201 12.94 0.15 28.86
N ASP A 202 11.92 0.72 28.23
CA ASP A 202 11.85 0.88 26.78
C ASP A 202 12.12 -0.44 26.08
N GLY A 203 11.51 -1.50 26.60
CA GLY A 203 11.85 -2.85 26.18
C GLY A 203 11.21 -3.22 24.87
N PRO A 204 11.86 -4.14 24.15
CA PRO A 204 11.39 -4.48 22.82
C PRO A 204 10.18 -5.37 22.87
N VAL A 205 9.48 -5.36 21.74
CA VAL A 205 8.32 -6.20 21.48
C VAL A 205 8.68 -7.09 20.30
N PHE A 206 8.18 -8.33 20.34
CA PHE A 206 8.60 -9.37 19.43
C PHE A 206 7.39 -9.98 18.73
N PHE A 207 7.61 -10.50 17.53
CA PHE A 207 6.57 -11.30 16.88
C PHE A 207 7.03 -12.75 16.81
N LYS A 208 6.07 -13.61 16.45
CA LYS A 208 6.24 -15.06 16.34
C LYS A 208 6.61 -15.66 17.69
N ARG A 218 2.44 -12.71 10.85
CA ARG A 218 3.26 -12.25 11.96
C ARG A 218 2.41 -11.95 13.20
N THR A 219 2.60 -12.76 14.24
CA THR A 219 1.83 -12.64 15.47
C THR A 219 2.62 -11.85 16.51
N ILE A 220 2.09 -10.70 16.91
CA ILE A 220 2.73 -9.86 17.90
C ILE A 220 2.46 -10.41 19.29
N LYS A 221 3.52 -10.53 20.09
CA LYS A 221 3.41 -11.06 21.44
C LYS A 221 3.33 -9.91 22.44
N LEU A 222 2.19 -9.78 23.12
CA LEU A 222 1.97 -8.71 24.07
C LEU A 222 1.72 -9.26 25.47
N LEU A 223 2.04 -8.44 26.46
CA LEU A 223 1.88 -8.78 27.86
C LEU A 223 0.65 -8.06 28.39
N THR A 224 -0.20 -8.80 29.07
CA THR A 224 -1.27 -8.16 29.83
C THR A 224 -0.67 -7.45 31.04
N GLY A 225 -1.48 -6.60 31.66
CA GLY A 225 -1.08 -6.04 32.94
C GLY A 225 0.08 -5.07 32.80
N SER A 226 0.24 -4.44 31.64
CA SER A 226 1.42 -3.67 31.30
C SER A 226 1.06 -2.33 30.68
N SER A 227 2.09 -1.51 30.52
CA SER A 227 1.96 -0.25 29.82
CA SER A 227 2.01 -0.21 29.88
C SER A 227 3.04 -0.19 28.76
N TYR A 228 2.66 0.30 27.60
CA TYR A 228 3.55 0.43 26.44
C TYR A 228 3.57 1.87 26.00
N LYS A 229 4.75 2.40 25.73
CA LYS A 229 4.84 3.68 25.05
C LYS A 229 4.57 3.45 23.58
N VAL A 230 3.66 4.24 23.03
CA VAL A 230 3.29 4.24 21.62
C VAL A 230 3.89 5.47 20.96
N GLU A 231 4.48 5.26 19.77
CA GLU A 231 5.01 6.33 18.93
C GLU A 231 4.38 6.16 17.57
N VAL A 232 3.72 7.21 17.07
CA VAL A 232 3.11 7.24 15.74
C VAL A 232 3.76 8.38 14.97
N LYS A 233 4.38 8.05 13.83
CA LYS A 233 5.09 9.05 13.02
C LYS A 233 4.40 9.13 11.67
N ILE A 234 4.00 10.35 11.28
CA ILE A 234 3.13 10.58 10.14
C ILE A 234 3.79 11.58 9.20
N LYS A 235 3.70 11.28 7.90
CA LYS A 235 4.12 12.13 6.82
C LYS A 235 2.95 12.19 5.85
N PRO A 236 2.53 13.37 5.38
CA PRO A 236 3.12 14.68 5.70
C PRO A 236 2.87 15.17 7.12
N THR A 237 3.72 16.10 7.56
CA THR A 237 3.73 16.56 8.94
C THR A 237 2.49 17.38 9.30
N THR A 238 1.76 17.85 8.32
CA THR A 238 0.56 18.63 8.56
C THR A 238 -0.65 17.79 8.98
N LEU A 239 -0.60 16.48 8.80
CA LEU A 239 -1.73 15.64 9.17
C LEU A 239 -1.87 15.58 10.68
N GLN A 240 -3.12 15.49 11.14
CA GLN A 240 -3.42 15.51 12.57
C GLN A 240 -4.22 14.29 13.00
N VAL A 241 -3.88 13.77 14.18
CA VAL A 241 -4.62 12.69 14.83
C VAL A 241 -4.76 13.10 16.27
N GLU A 242 -5.75 12.50 16.94
CA GLU A 242 -5.98 12.72 18.36
C GLU A 242 -5.90 11.45 19.20
N ASN A 243 -6.13 10.29 18.60
CA ASN A 243 -6.23 9.04 19.34
C ASN A 243 -5.93 7.90 18.39
N ILE A 244 -5.39 6.81 18.93
CA ILE A 244 -5.36 5.51 18.26
C ILE A 244 -6.03 4.50 19.20
N SER A 245 -6.93 3.66 18.67
CA SER A 245 -7.56 2.58 19.42
C SER A 245 -6.87 1.27 19.08
N ILE A 246 -6.49 0.51 20.11
CA ILE A 246 -5.71 -0.73 19.96
C ILE A 246 -6.51 -1.80 20.67
N GLY A 247 -7.19 -2.65 19.92
CA GLY A 247 -8.02 -3.66 20.56
C GLY A 247 -9.09 -3.15 21.48
N GLY A 248 -9.68 -1.99 21.19
CA GLY A 248 -10.65 -1.41 22.07
C GLY A 248 -10.10 -0.58 23.21
N VAL A 249 -8.77 -0.56 23.39
CA VAL A 249 -8.12 0.32 24.35
C VAL A 249 -7.87 1.65 23.66
N LEU A 250 -8.36 2.73 24.23
CA LEU A 250 -8.14 4.05 23.63
C LEU A 250 -6.80 4.60 24.11
N VAL A 251 -6.02 5.11 23.18
CA VAL A 251 -4.72 5.68 23.45
C VAL A 251 -4.72 7.12 22.95
N PRO A 252 -4.91 8.09 23.83
CA PRO A 252 -4.79 9.49 23.41
C PRO A 252 -3.39 9.76 22.92
N LEU A 253 -3.29 10.58 21.88
CA LEU A 253 -2.02 10.86 21.25
C LEU A 253 -1.75 12.36 21.32
N GLU A 254 -0.53 12.71 21.71
CA GLU A 254 -0.12 14.11 21.78
C GLU A 254 1.09 14.33 20.89
N LEU A 255 1.07 15.45 20.17
CA LEU A 255 2.16 15.79 19.28
C LEU A 255 3.39 16.19 20.10
N LYS A 256 4.56 15.71 19.70
CA LYS A 256 5.83 16.11 20.33
C LYS A 256 6.87 16.52 19.28
N CYS A 257 7.81 17.38 19.70
CA CYS A 257 8.91 17.89 18.86
C CYS A 257 8.52 19.20 18.17
N ARG A 264 8.87 13.54 9.35
CA ARG A 264 7.65 13.05 9.98
C ARG A 264 7.33 13.80 11.26
N VAL A 265 6.06 13.85 11.59
CA VAL A 265 5.58 14.45 12.83
C VAL A 265 5.29 13.30 13.79
N VAL A 266 5.61 13.49 15.07
CA VAL A 266 5.66 12.39 16.05
C VAL A 266 4.62 12.59 17.14
N TYR A 267 3.72 11.64 17.24
CA TYR A 267 2.71 11.56 18.27
C TYR A 267 3.06 10.44 19.24
N THR A 268 2.73 10.64 20.49
CA THR A 268 3.03 9.67 21.52
C THR A 268 1.81 9.46 22.40
N GLY A 269 1.71 8.26 22.94
CA GLY A 269 0.78 7.95 24.00
C GLY A 269 1.20 6.71 24.73
N ILE A 270 0.35 6.28 25.65
CA ILE A 270 0.58 5.11 26.47
C ILE A 270 -0.59 4.14 26.31
N TYR A 271 -0.27 2.90 25.89
CA TYR A 271 -1.21 1.81 25.69
C TYR A 271 -1.19 0.89 26.92
N ASP A 272 -2.31 0.85 27.62
CA ASP A 272 -2.46 0.12 28.87
C ASP A 272 -3.14 -1.21 28.58
N THR A 273 -2.50 -2.32 28.98
CA THR A 273 -3.10 -3.64 28.82
C THR A 273 -3.60 -4.22 30.15
N GLU A 274 -3.65 -3.43 31.22
CA GLU A 274 -4.34 -3.92 32.40
C GLU A 274 -5.79 -4.25 32.09
N GLY A 275 -6.22 -5.43 32.48
CA GLY A 275 -7.60 -5.85 32.26
C GLY A 275 -7.86 -6.54 30.94
N VAL A 276 -6.86 -6.63 30.07
CA VAL A 276 -7.00 -7.40 28.84
C VAL A 276 -6.82 -8.88 29.16
N ALA A 277 -7.72 -9.69 28.61
CA ALA A 277 -7.65 -11.12 28.84
C ALA A 277 -6.49 -11.74 28.07
N PRO A 278 -5.73 -12.64 28.69
CA PRO A 278 -4.75 -13.43 27.91
C PRO A 278 -5.45 -14.28 26.85
N THR A 279 -4.75 -14.52 25.75
CA THR A 279 -5.28 -15.35 24.67
C THR A 279 -5.21 -16.82 25.07
N LYS A 280 -6.23 -17.57 24.68
CA LYS A 280 -6.28 -18.98 25.03
C LYS A 280 -5.14 -19.72 24.33
N SER A 281 -4.61 -20.73 25.01
CA SER A 281 -3.40 -21.41 24.56
C SER A 281 -3.52 -21.86 23.11
N GLY A 282 -2.40 -21.77 22.38
CA GLY A 282 -2.35 -22.23 21.01
C GLY A 282 -3.24 -21.45 20.06
N GLU A 283 -3.83 -20.35 20.53
CA GLU A 283 -4.64 -19.50 19.70
C GLU A 283 -4.05 -18.11 19.67
N ARG A 284 -4.33 -17.38 18.61
CA ARG A 284 -4.03 -15.97 18.50
C ARG A 284 -5.35 -15.24 18.30
N GLN A 285 -5.28 -13.94 18.15
CA GLN A 285 -6.52 -13.22 17.97
C GLN A 285 -6.23 -11.93 17.24
N PRO A 286 -7.13 -11.47 16.38
CA PRO A 286 -6.97 -10.13 15.83
C PRO A 286 -7.37 -9.07 16.83
N ILE A 287 -6.72 -7.93 16.72
CA ILE A 287 -7.18 -6.72 17.38
C ILE A 287 -7.23 -5.63 16.33
N GLN A 288 -8.32 -4.90 16.36
CA GLN A 288 -8.53 -3.80 15.47
C GLN A 288 -7.69 -2.60 15.88
N ILE A 289 -7.04 -1.97 14.90
CA ILE A 289 -6.26 -0.74 15.08
C ILE A 289 -6.97 0.36 14.31
N THR A 290 -7.37 1.43 14.98
CA THR A 290 -8.15 2.47 14.35
C THR A 290 -7.58 3.83 14.72
N MET A 291 -7.29 4.67 13.75
CA MET A 291 -6.76 6.01 14.01
C MET A 291 -7.43 7.01 13.08
N PRO A 292 -8.44 7.73 13.54
CA PRO A 292 -9.05 8.76 12.71
C PRO A 292 -8.11 9.95 12.54
N PHE A 293 -8.08 10.51 11.35
CA PHE A 293 -7.44 11.77 11.08
C PHE A 293 -8.50 12.87 11.06
N THR A 294 -8.03 14.10 11.21
CA THR A 294 -8.98 15.20 11.31
C THR A 294 -9.77 15.38 10.02
N ASP A 295 -9.09 15.44 8.87
CA ASP A 295 -9.77 15.71 7.60
C ASP A 295 -9.78 14.56 6.62
N ILE A 296 -8.73 13.76 6.58
CA ILE A 296 -8.50 12.91 5.42
C ILE A 296 -9.01 11.49 5.58
N GLY A 297 -9.72 11.21 6.64
CA GLY A 297 -10.33 9.91 6.79
C GLY A 297 -9.68 9.12 7.91
N THR A 298 -10.01 7.84 7.96
CA THR A 298 -9.63 6.97 9.06
C THR A 298 -8.69 5.85 8.60
N PHE A 299 -7.60 5.69 9.33
CA PHE A 299 -6.71 4.56 9.17
C PHE A 299 -7.25 3.39 9.99
N GLU A 300 -7.42 2.22 9.35
CA GLU A 300 -7.82 1.03 10.10
C GLU A 300 -7.15 -0.24 9.55
N THR A 301 -6.70 -1.07 10.48
CA THR A 301 -6.06 -2.34 10.16
C THR A 301 -6.29 -3.30 11.31
N VAL A 302 -5.77 -4.50 11.16
CA VAL A 302 -5.85 -5.53 12.17
C VAL A 302 -4.43 -5.97 12.44
N TRP A 303 -4.11 -6.13 13.72
CA TRP A 303 -2.91 -6.86 14.11
C TRP A 303 -3.34 -8.23 14.62
N GLN A 304 -2.52 -9.25 14.33
CA GLN A 304 -2.70 -10.59 14.90
C GLN A 304 -1.79 -10.64 16.13
N VAL A 305 -2.37 -10.94 17.29
CA VAL A 305 -1.63 -10.83 18.55
C VAL A 305 -1.91 -12.03 19.42
N LYS A 306 -0.97 -12.28 20.35
CA LYS A 306 -1.20 -13.18 21.46
C LYS A 306 -0.90 -12.39 22.71
N PHE A 307 -1.81 -12.42 23.68
CA PHE A 307 -1.63 -11.78 24.97
C PHE A 307 -1.20 -12.82 26.00
N TYR A 308 -0.16 -12.51 26.74
CA TYR A 308 0.37 -13.41 27.76
C TYR A 308 0.24 -12.80 29.14
N ASN A 309 0.03 -13.67 30.13
CA ASN A 309 -0.03 -13.26 31.52
C ASN A 309 1.38 -13.19 32.11
N TYR A 310 1.42 -12.84 33.41
CA TYR A 310 2.67 -12.69 34.15
C TYR A 310 3.48 -13.98 34.15
N HIS A 311 2.80 -15.11 34.36
CA HIS A 311 3.50 -16.39 34.44
C HIS A 311 4.14 -16.76 33.11
N LYS A 312 3.46 -16.46 32.00
CA LYS A 312 3.99 -16.74 30.68
C LYS A 312 4.68 -15.52 30.06
N ARG A 313 5.13 -14.57 30.89
CA ARG A 313 5.77 -13.36 30.38
C ARG A 313 7.08 -13.66 29.67
N ASP A 314 7.73 -14.80 29.98
CA ASP A 314 8.95 -15.14 29.26
C ASP A 314 8.73 -15.18 27.75
N HIS A 315 7.49 -15.38 27.29
CA HIS A 315 7.25 -15.46 25.86
C HIS A 315 7.38 -14.11 25.15
N CYS A 316 7.31 -13.00 25.89
CA CYS A 316 7.49 -11.67 25.34
C CYS A 316 8.90 -11.14 25.54
N GLN A 317 9.86 -12.05 25.74
CA GLN A 317 11.26 -11.71 25.90
C GLN A 317 12.11 -12.25 24.76
N TRP A 318 11.54 -13.09 23.90
CA TRP A 318 12.25 -13.74 22.81
C TRP A 318 11.41 -13.65 21.56
N GLY A 319 12.04 -13.84 20.41
CA GLY A 319 11.34 -13.78 19.14
C GLY A 319 12.04 -12.84 18.19
N SER A 320 11.34 -12.51 17.10
CA SER A 320 11.84 -11.56 16.11
C SER A 320 11.38 -10.17 16.52
N PRO A 321 12.28 -9.23 16.78
CA PRO A 321 11.83 -7.91 17.24
C PRO A 321 11.23 -7.10 16.10
N PHE A 322 10.29 -6.23 16.45
CA PHE A 322 9.90 -5.22 15.47
C PHE A 322 9.99 -3.86 16.13
N SER A 323 10.84 -3.02 15.58
CA SER A 323 10.98 -1.68 16.06
CA SER A 323 10.98 -1.68 16.07
C SER A 323 9.81 -0.82 15.65
N VAL A 324 9.19 -1.13 14.49
CA VAL A 324 8.13 -0.32 13.95
C VAL A 324 7.39 -1.14 12.91
N ILE A 325 6.12 -0.80 12.69
CA ILE A 325 5.39 -1.22 11.50
C ILE A 325 5.12 0.04 10.69
N GLU A 326 5.58 0.03 9.45
CA GLU A 326 5.40 1.13 8.51
CA GLU A 326 5.40 1.13 8.51
C GLU A 326 4.26 0.82 7.57
N TYR A 327 3.35 1.78 7.40
CA TYR A 327 2.20 1.70 6.50
C TYR A 327 2.32 2.78 5.42
N GLU A 328 2.03 2.39 4.16
CA GLU A 328 1.79 3.31 3.06
C GLU A 328 0.29 3.29 2.77
N CYS A 329 -0.32 4.46 2.82
CA CYS A 329 -1.76 4.61 2.67
C CYS A 329 -2.08 5.65 1.61
N LYS A 330 -3.30 5.59 1.10
CA LYS A 330 -3.81 6.54 0.12
C LYS A 330 -5.18 7.00 0.58
N PRO A 331 -5.36 8.28 0.91
CA PRO A 331 -6.68 8.78 1.32
C PRO A 331 -7.62 8.87 0.12
N ASN A 332 -8.92 8.87 0.41
CA ASN A 332 -9.93 9.01 -0.62
C ASN A 332 -11.07 9.87 -0.07
N GLU A 333 -11.65 10.69 -0.95
CA GLU A 333 -12.68 11.64 -0.53
C GLU A 333 -13.83 10.94 0.21
N THR A 334 -14.31 9.84 -0.36
CA THR A 334 -15.58 9.27 0.06
C THR A 334 -15.49 7.85 0.59
N ARG A 335 -14.33 7.19 0.47
CA ARG A 335 -14.24 5.81 0.95
C ARG A 335 -14.39 5.80 2.46
N SER A 336 -14.95 4.72 3.00
CA SER A 336 -15.18 4.68 4.45
CA SER A 336 -15.17 4.70 4.45
C SER A 336 -13.88 4.71 5.26
N LEU A 337 -12.76 4.31 4.65
CA LEU A 337 -11.44 4.18 5.27
C LEU A 337 -10.37 4.47 4.22
N MET A 338 -9.23 5.02 4.62
CA MET A 338 -8.13 5.18 3.69
C MET A 338 -7.63 3.82 3.21
N TRP A 339 -7.12 3.79 1.98
CA TRP A 339 -6.49 2.59 1.45
C TRP A 339 -5.22 2.29 2.22
N VAL A 340 -5.04 1.04 2.60
CA VAL A 340 -3.82 0.61 3.30
C VAL A 340 -3.08 -0.25 2.30
N ASN A 341 -2.09 0.34 1.63
CA ASN A 341 -1.50 -0.30 0.48
C ASN A 341 -0.30 -1.18 0.80
N LYS A 342 0.37 -0.92 1.91
CA LYS A 342 1.58 -1.67 2.23
C LYS A 342 1.76 -1.62 3.75
N GLU A 343 2.22 -2.74 4.29
CA GLU A 343 2.51 -2.91 5.70
C GLU A 343 3.86 -3.59 5.76
N SER A 344 4.80 -3.01 6.51
CA SER A 344 6.15 -3.55 6.59
C SER A 344 6.58 -3.55 8.05
N PHE A 345 6.88 -4.75 8.58
CA PHE A 345 7.48 -4.89 9.90
C PHE A 345 8.98 -4.70 9.77
N LEU A 346 9.52 -3.77 10.55
CA LEU A 346 10.92 -3.44 10.49
C LEU A 346 11.53 -3.47 11.89
#